data_2H27
#
_entry.id   2H27
#
_cell.length_a   55.009
_cell.length_b   68.709
_cell.length_c   61.133
_cell.angle_alpha   90.00
_cell.angle_beta   101.25
_cell.angle_gamma   90.00
#
_symmetry.space_group_name_H-M   'P 1 21 1'
#
loop_
_entity.id
_entity.type
_entity.pdbx_description
1 polymer "5'-D(*CP*CP*CP*GP*GP*AP*AP*CP*TP*TP*CP*G)-3'"
2 polymer "5'-D(*C*CP*GP*AP*AP*GP*TP*TP*CP*CP*GP*G)-3'"
3 polymer 'RNA polymerase Sigma E factor'
4 non-polymer (4S)-2-METHYL-2,4-PENTANEDIOL
5 water water
#
loop_
_entity_poly.entity_id
_entity_poly.type
_entity_poly.pdbx_seq_one_letter_code
_entity_poly.pdbx_strand_id
1 'polydeoxyribonucleotide' (DC)(DC)(DC)(DG)(DG)(DA)(DA)(DC)(DT)(DT)(DC)(DG) B,E
2 'polydeoxyribonucleotide' (DC)(DC)(DG)(DA)(DA)(DG)(DT)(DT)(DC)(DC)(DG)(DG) C,F
3 'polypeptide(L)' GSHMLSEELRQIVFRTIESLPEDLRMAITLRELDGLSYEEIAAIMDCPVGTVRSRIFRAREAIDNKVQPLIRR A,D
#
loop_
_chem_comp.id
_chem_comp.type
_chem_comp.name
_chem_comp.formula
DA DNA linking 2'-DEOXYADENOSINE-5'-MONOPHOSPHATE 'C10 H14 N5 O6 P'
DC DNA linking 2'-DEOXYCYTIDINE-5'-MONOPHOSPHATE 'C9 H14 N3 O7 P'
DG DNA linking 2'-DEOXYGUANOSINE-5'-MONOPHOSPHATE 'C10 H14 N5 O7 P'
DT DNA linking THYMIDINE-5'-MONOPHOSPHATE 'C10 H15 N2 O8 P'
MPD non-polymer (4S)-2-METHYL-2,4-PENTANEDIOL 'C6 H14 O2'
#
# COMPACT_ATOMS: atom_id res chain seq x y z
N SER E 2 13.79 2.08 9.00
CA SER E 2 14.40 3.12 9.87
C SER E 2 15.44 3.88 9.03
N HIS E 3 14.98 4.87 8.25
CA HIS E 3 15.79 5.73 7.34
C HIS E 3 16.58 5.21 6.13
N MET E 4 16.56 3.90 5.83
CA MET E 4 17.26 3.41 4.63
C MET E 4 16.36 3.82 3.45
N LEU E 5 16.94 4.12 2.29
CA LEU E 5 16.14 4.58 1.17
C LEU E 5 14.94 3.72 0.77
N SER E 6 15.16 2.43 0.58
CA SER E 6 14.06 1.55 0.19
C SER E 6 12.93 1.64 1.21
N GLU E 7 13.28 1.89 2.46
CA GLU E 7 12.26 1.99 3.49
C GLU E 7 11.54 3.35 3.40
N GLU E 8 12.25 4.39 3.02
CA GLU E 8 11.66 5.71 2.87
C GLU E 8 10.63 5.63 1.74
N LEU E 9 10.95 4.84 0.73
CA LEU E 9 10.06 4.71 -0.43
C LEU E 9 8.74 3.99 -0.13
N ARG E 10 8.78 2.91 0.63
CA ARG E 10 7.52 2.25 0.90
C ARG E 10 6.65 3.14 1.76
N GLN E 11 7.24 3.79 2.76
CA GLN E 11 6.46 4.67 3.62
C GLN E 11 5.85 5.81 2.82
N ILE E 12 6.60 6.33 1.85
CA ILE E 12 6.12 7.42 1.01
C ILE E 12 4.88 6.94 0.24
N VAL E 13 4.88 5.69 -0.19
CA VAL E 13 3.74 5.18 -0.93
C VAL E 13 2.50 5.15 -0.04
N PHE E 14 2.62 4.54 1.14
CA PHE E 14 1.50 4.47 2.07
C PHE E 14 0.98 5.85 2.47
N ARG E 15 1.92 6.72 2.81
CA ARG E 15 1.59 8.07 3.25
C ARG E 15 0.86 8.87 2.16
N THR E 16 1.25 8.67 0.91
CA THR E 16 0.60 9.40 -0.17
C THR E 16 -0.79 8.83 -0.43
N ILE E 17 -0.93 7.52 -0.38
CA ILE E 17 -2.25 6.94 -0.59
C ILE E 17 -3.17 7.51 0.50
N GLU E 18 -2.65 7.53 1.72
CA GLU E 18 -3.41 8.03 2.84
C GLU E 18 -3.93 9.48 2.68
N SER E 19 -3.13 10.36 2.10
CA SER E 19 -3.54 11.76 1.93
C SER E 19 -4.29 12.07 0.65
N LEU E 20 -4.61 11.05 -0.13
CA LEU E 20 -5.35 11.28 -1.36
C LEU E 20 -6.81 11.60 -1.06
N PRO E 21 -7.52 12.19 -2.03
CA PRO E 21 -8.94 12.53 -1.85
C PRO E 21 -9.65 11.18 -1.74
N GLU E 22 -10.66 11.09 -0.88
CA GLU E 22 -11.39 9.83 -0.69
C GLU E 22 -11.69 9.02 -1.95
N ASP E 23 -12.18 9.69 -2.97
CA ASP E 23 -12.49 8.88 -4.13
C ASP E 23 -11.20 8.24 -4.68
N LEU E 24 -10.11 9.02 -4.96
CA LEU E 24 -8.85 8.48 -5.47
C LEU E 24 -8.25 7.42 -4.55
N ARG E 25 -8.26 7.66 -3.25
CA ARG E 25 -7.71 6.69 -2.31
C ARG E 25 -8.43 5.36 -2.41
N MET E 26 -9.76 5.40 -2.38
CA MET E 26 -10.60 4.20 -2.45
C MET E 26 -10.41 3.46 -3.78
N ALA E 27 -10.40 4.22 -4.87
CA ALA E 27 -10.24 3.60 -6.18
C ALA E 27 -8.90 2.87 -6.30
N ILE E 28 -7.82 3.50 -5.82
CA ILE E 28 -6.50 2.88 -5.90
C ILE E 28 -6.39 1.73 -4.88
N THR E 29 -7.00 1.91 -3.71
CA THR E 29 -6.96 0.86 -2.69
C THR E 29 -7.71 -0.40 -3.11
N LEU E 30 -8.90 -0.24 -3.69
CA LEU E 30 -9.68 -1.40 -4.12
C LEU E 30 -8.97 -2.14 -5.25
N ARG E 31 -8.26 -1.39 -6.08
CA ARG E 31 -7.54 -2.00 -7.19
C ARG E 31 -6.26 -2.70 -6.74
N GLU E 32 -5.41 -1.98 -6.02
CA GLU E 32 -4.11 -2.52 -5.59
C GLU E 32 -4.10 -3.45 -4.39
N LEU E 33 -4.90 -3.17 -3.37
CA LEU E 33 -4.90 -4.04 -2.20
C LEU E 33 -5.96 -5.14 -2.25
N ASP E 34 -7.11 -4.83 -2.83
CA ASP E 34 -8.19 -5.81 -2.90
C ASP E 34 -8.13 -6.58 -4.21
N GLY E 35 -7.31 -6.09 -5.13
CA GLY E 35 -7.14 -6.73 -6.42
C GLY E 35 -8.39 -6.79 -7.29
N LEU E 36 -9.29 -5.82 -7.12
CA LEU E 36 -10.53 -5.81 -7.92
C LEU E 36 -10.35 -5.30 -9.34
N SER E 37 -11.28 -5.70 -10.22
CA SER E 37 -11.25 -5.27 -11.60
C SER E 37 -11.93 -3.90 -11.68
N TYR E 38 -11.71 -3.18 -12.78
CA TYR E 38 -12.31 -1.86 -12.96
C TYR E 38 -13.85 -1.95 -12.85
N GLU E 39 -14.40 -2.97 -13.49
CA GLU E 39 -15.82 -3.26 -13.53
C GLU E 39 -16.38 -3.35 -12.11
N GLU E 40 -15.71 -4.13 -11.28
CA GLU E 40 -16.07 -4.35 -9.89
C GLU E 40 -15.96 -3.10 -9.04
N ILE E 41 -14.88 -2.35 -9.25
CA ILE E 41 -14.65 -1.12 -8.51
C ILE E 41 -15.73 -0.11 -8.84
N ALA E 42 -16.16 -0.09 -10.10
CA ALA E 42 -17.19 0.84 -10.54
C ALA E 42 -18.53 0.52 -9.90
N ALA E 43 -18.77 -0.75 -9.63
CA ALA E 43 -20.00 -1.18 -8.97
C ALA E 43 -19.91 -0.73 -7.52
N ILE E 44 -18.81 -1.07 -6.87
CA ILE E 44 -18.61 -0.69 -5.48
C ILE E 44 -18.74 0.81 -5.30
N MET E 45 -18.13 1.59 -6.20
CA MET E 45 -18.18 3.04 -6.08
C MET E 45 -19.36 3.69 -6.81
N ASP E 46 -20.20 2.86 -7.43
CA ASP E 46 -21.37 3.34 -8.15
C ASP E 46 -21.04 4.52 -9.02
N CYS E 47 -20.12 4.32 -9.96
CA CYS E 47 -19.70 5.39 -10.87
C CYS E 47 -19.34 4.72 -12.18
N PRO E 48 -19.16 5.51 -13.25
CA PRO E 48 -18.82 4.92 -14.55
C PRO E 48 -17.42 4.31 -14.50
N VAL E 49 -17.18 3.28 -15.26
CA VAL E 49 -15.86 2.69 -15.20
C VAL E 49 -14.79 3.68 -15.71
N GLY E 50 -15.22 4.60 -16.56
CA GLY E 50 -14.31 5.59 -17.10
C GLY E 50 -13.78 6.48 -15.99
N THR E 51 -14.58 6.65 -14.95
CA THR E 51 -14.19 7.48 -13.82
C THR E 51 -13.21 6.69 -12.95
N VAL E 52 -13.35 5.37 -12.97
CA VAL E 52 -12.45 4.50 -12.24
C VAL E 52 -11.09 4.57 -12.95
N ARG E 53 -11.12 4.57 -14.28
CA ARG E 53 -9.89 4.62 -15.05
C ARG E 53 -9.06 5.86 -14.70
N SER E 54 -9.67 7.05 -14.76
CA SER E 54 -8.95 8.28 -14.48
C SER E 54 -8.55 8.39 -13.01
N ARG E 55 -9.47 8.04 -12.11
CA ARG E 55 -9.18 8.09 -10.68
C ARG E 55 -7.97 7.26 -10.34
N ILE E 56 -7.90 6.04 -10.87
CA ILE E 56 -6.76 5.18 -10.62
C ILE E 56 -5.51 5.81 -11.25
N PHE E 57 -5.66 6.35 -12.45
CA PHE E 57 -4.54 6.96 -13.15
C PHE E 57 -3.99 8.13 -12.34
N ARG E 58 -4.92 8.97 -11.89
CA ARG E 58 -4.55 10.16 -11.15
C ARG E 58 -4.02 9.86 -9.72
N ALA E 59 -4.43 8.72 -9.15
CA ALA E 59 -3.94 8.36 -7.83
C ALA E 59 -2.49 7.89 -8.04
N ARG E 60 -2.27 7.13 -9.11
CA ARG E 60 -0.94 6.63 -9.45
C ARG E 60 0.03 7.78 -9.74
N GLU E 61 -0.47 8.81 -10.41
CA GLU E 61 0.32 9.98 -10.74
C GLU E 61 0.80 10.63 -9.44
N ALA E 62 -0.13 10.83 -8.51
CA ALA E 62 0.19 11.45 -7.21
C ALA E 62 1.25 10.65 -6.46
N ILE E 63 1.17 9.33 -6.53
CA ILE E 63 2.14 8.49 -5.83
C ILE E 63 3.50 8.65 -6.52
N ASP E 64 3.50 8.60 -7.84
CA ASP E 64 4.73 8.74 -8.59
C ASP E 64 5.41 10.10 -8.43
N ASN E 65 4.63 11.18 -8.28
CA ASN E 65 5.26 12.49 -8.12
C ASN E 65 5.97 12.63 -6.78
N LYS E 66 5.69 11.72 -5.87
CA LYS E 66 6.30 11.73 -4.55
C LYS E 66 7.44 10.73 -4.49
N VAL E 67 7.43 9.79 -5.42
CA VAL E 67 8.45 8.76 -5.47
C VAL E 67 9.61 9.04 -6.42
N GLN E 68 9.32 9.57 -7.61
CA GLN E 68 10.37 9.82 -8.58
C GLN E 68 11.47 10.77 -8.08
N PRO E 69 11.09 11.80 -7.33
CA PRO E 69 12.13 12.72 -6.84
C PRO E 69 13.04 12.00 -5.85
N LEU E 70 12.83 10.70 -5.69
CA LEU E 70 13.60 9.95 -4.72
C LEU E 70 14.64 8.97 -5.25
N ILE E 71 14.41 8.43 -6.43
CA ILE E 71 15.36 7.47 -6.98
C ILE E 71 16.37 8.12 -7.92
N ARG E 72 17.60 7.69 -7.72
CA ARG E 72 18.75 8.25 -8.39
C ARG E 72 18.55 9.72 -8.69
N MET F 4 9.17 3.31 -16.38
CA MET F 4 9.65 4.12 -15.26
C MET F 4 9.83 3.41 -13.92
N LEU F 5 10.84 3.85 -13.17
CA LEU F 5 11.16 3.26 -11.88
C LEU F 5 10.13 3.40 -10.77
N SER F 6 9.63 4.61 -10.55
CA SER F 6 8.66 4.81 -9.50
C SER F 6 7.45 3.90 -9.75
N GLU F 7 7.14 3.65 -11.01
CA GLU F 7 6.01 2.79 -11.32
C GLU F 7 6.23 1.38 -10.82
N GLU F 8 7.32 0.75 -11.22
CA GLU F 8 7.57 -0.60 -10.77
C GLU F 8 7.83 -0.63 -9.28
N LEU F 9 8.38 0.45 -8.74
CA LEU F 9 8.62 0.50 -7.31
C LEU F 9 7.30 0.33 -6.57
N ARG F 10 6.30 1.14 -6.93
CA ARG F 10 5.02 1.04 -6.24
C ARG F 10 4.34 -0.29 -6.53
N GLN F 11 4.42 -0.77 -7.77
CA GLN F 11 3.79 -2.04 -8.07
C GLN F 11 4.40 -3.20 -7.30
N ILE F 12 5.72 -3.24 -7.11
CA ILE F 12 6.24 -4.37 -6.34
C ILE F 12 5.86 -4.24 -4.87
N VAL F 13 5.61 -3.02 -4.39
CA VAL F 13 5.18 -2.89 -2.99
C VAL F 13 3.82 -3.58 -2.87
N PHE F 14 2.88 -3.21 -3.72
CA PHE F 14 1.56 -3.82 -3.68
C PHE F 14 1.61 -5.31 -3.93
N ARG F 15 2.42 -5.76 -4.90
CA ARG F 15 2.52 -7.18 -5.19
C ARG F 15 3.06 -7.98 -4.01
N THR F 16 4.03 -7.42 -3.29
CA THR F 16 4.60 -8.14 -2.15
C THR F 16 3.60 -8.20 -1.01
N ILE F 17 2.89 -7.12 -0.74
CA ILE F 17 1.91 -7.13 0.33
C ILE F 17 0.90 -8.23 0.01
N GLU F 18 0.43 -8.23 -1.23
CA GLU F 18 -0.54 -9.22 -1.67
C GLU F 18 -0.08 -10.67 -1.50
N SER F 19 1.23 -10.91 -1.61
CA SER F 19 1.74 -12.29 -1.49
C SER F 19 2.13 -12.68 -0.08
N LEU F 20 2.01 -11.76 0.86
CA LEU F 20 2.35 -12.05 2.24
C LEU F 20 1.35 -13.03 2.85
N PRO F 21 1.74 -13.67 3.98
CA PRO F 21 0.84 -14.62 4.65
C PRO F 21 -0.30 -13.75 5.19
N GLU F 22 -1.52 -14.28 5.20
CA GLU F 22 -2.70 -13.55 5.66
C GLU F 22 -2.50 -12.70 6.92
N ASP F 23 -1.89 -13.23 7.97
CA ASP F 23 -1.72 -12.41 9.18
C ASP F 23 -0.77 -11.24 9.02
N LEU F 24 0.32 -11.42 8.27
CA LEU F 24 1.28 -10.32 8.08
C LEU F 24 0.65 -9.26 7.18
N ARG F 25 -0.09 -9.73 6.18
CA ARG F 25 -0.77 -8.85 5.26
C ARG F 25 -1.78 -7.98 6.02
N MET F 26 -2.59 -8.66 6.80
CA MET F 26 -3.59 -7.99 7.64
C MET F 26 -2.92 -6.98 8.55
N ALA F 27 -1.94 -7.48 9.29
CA ALA F 27 -1.24 -6.61 10.25
C ALA F 27 -0.64 -5.37 9.61
N ILE F 28 0.04 -5.53 8.48
CA ILE F 28 0.65 -4.38 7.82
C ILE F 28 -0.39 -3.51 7.12
N THR F 29 -1.47 -4.14 6.64
CA THR F 29 -2.52 -3.38 5.97
C THR F 29 -3.30 -2.51 6.98
N LEU F 30 -3.68 -3.09 8.11
CA LEU F 30 -4.42 -2.35 9.13
C LEU F 30 -3.58 -1.18 9.63
N ARG F 31 -2.26 -1.38 9.73
CA ARG F 31 -1.39 -0.31 10.20
C ARG F 31 -1.22 0.81 9.18
N GLU F 32 -0.75 0.45 7.99
CA GLU F 32 -0.48 1.42 6.93
C GLU F 32 -1.70 1.96 6.18
N LEU F 33 -2.67 1.10 5.86
CA LEU F 33 -3.85 1.56 5.14
C LEU F 33 -4.92 2.15 6.05
N ASP F 34 -5.23 1.47 7.14
CA ASP F 34 -6.26 1.96 8.06
C ASP F 34 -5.64 2.91 9.08
N GLY F 35 -4.31 2.85 9.20
CA GLY F 35 -3.63 3.72 10.14
C GLY F 35 -3.92 3.47 11.61
N LEU F 36 -4.09 2.22 12.00
CA LEU F 36 -4.40 1.90 13.39
C LEU F 36 -3.16 1.77 14.25
N SER F 37 -3.40 1.86 15.54
CA SER F 37 -2.37 1.76 16.51
C SER F 37 -2.13 0.27 16.84
N TYR F 38 -0.92 -0.12 17.24
CA TYR F 38 -0.64 -1.51 17.57
C TYR F 38 -1.69 -2.13 18.51
N GLU F 39 -2.14 -1.37 19.51
CA GLU F 39 -3.17 -1.90 20.42
C GLU F 39 -4.46 -2.19 19.66
N GLU F 40 -4.83 -1.28 18.77
CA GLU F 40 -6.05 -1.45 17.99
C GLU F 40 -5.94 -2.68 17.07
N ILE F 41 -4.78 -2.86 16.47
CA ILE F 41 -4.55 -3.99 15.56
C ILE F 41 -4.59 -5.30 16.33
N ALA F 42 -4.07 -5.28 17.56
CA ALA F 42 -4.05 -6.47 18.41
C ALA F 42 -5.47 -6.86 18.79
N ALA F 43 -6.31 -5.86 19.07
CA ALA F 43 -7.68 -6.13 19.43
C ALA F 43 -8.39 -6.77 18.24
N ILE F 44 -8.24 -6.14 17.08
CA ILE F 44 -8.87 -6.60 15.85
C ILE F 44 -8.43 -8.00 15.42
N MET F 45 -7.15 -8.31 15.63
CA MET F 45 -6.64 -9.62 15.23
C MET F 45 -6.61 -10.60 16.40
N ASP F 46 -7.06 -10.15 17.56
CA ASP F 46 -7.11 -10.97 18.77
C ASP F 46 -5.80 -11.71 19.00
N CYS F 47 -4.73 -10.95 19.21
CA CYS F 47 -3.41 -11.54 19.42
C CYS F 47 -2.59 -10.66 20.35
N PRO F 48 -1.48 -11.17 20.87
CA PRO F 48 -0.69 -10.31 21.76
C PRO F 48 -0.21 -9.12 20.94
N VAL F 49 0.03 -7.99 21.60
CA VAL F 49 0.49 -6.82 20.89
C VAL F 49 1.90 -7.07 20.36
N GLY F 50 2.66 -7.89 21.09
CA GLY F 50 4.02 -8.21 20.69
C GLY F 50 4.03 -8.97 19.38
N THR F 51 2.92 -9.61 19.07
CA THR F 51 2.79 -10.38 17.83
C THR F 51 2.51 -9.41 16.70
N VAL F 52 1.84 -8.32 17.03
CA VAL F 52 1.55 -7.28 16.05
C VAL F 52 2.90 -6.67 15.67
N ARG F 53 3.74 -6.48 16.69
CA ARG F 53 5.06 -5.90 16.49
C ARG F 53 5.90 -6.70 15.49
N SER F 54 6.05 -8.00 15.74
CA SER F 54 6.87 -8.84 14.86
C SER F 54 6.26 -9.02 13.48
N ARG F 55 4.94 -9.11 13.42
CA ARG F 55 4.28 -9.26 12.13
C ARG F 55 4.46 -8.03 11.23
N ILE F 56 4.34 -6.84 11.81
CA ILE F 56 4.53 -5.63 11.03
C ILE F 56 6.00 -5.56 10.59
N PHE F 57 6.90 -5.85 11.52
CA PHE F 57 8.33 -5.84 11.23
C PHE F 57 8.71 -6.79 10.08
N ARG F 58 8.17 -8.02 10.15
CA ARG F 58 8.41 -9.07 9.13
C ARG F 58 7.80 -8.74 7.77
N ALA F 59 6.66 -8.03 7.78
CA ALA F 59 5.97 -7.67 6.55
C ALA F 59 6.85 -6.62 5.87
N ARG F 60 7.32 -5.66 6.67
CA ARG F 60 8.18 -4.60 6.16
C ARG F 60 9.47 -5.18 5.57
N GLU F 61 10.04 -6.13 6.29
CA GLU F 61 11.27 -6.80 5.85
C GLU F 61 11.07 -7.41 4.45
N ALA F 62 9.96 -8.12 4.28
CA ALA F 62 9.64 -8.78 3.02
C ALA F 62 9.48 -7.77 1.92
N ILE F 63 8.94 -6.59 2.23
CA ILE F 63 8.79 -5.60 1.19
C ILE F 63 10.16 -4.99 0.85
N ASP F 64 10.96 -4.70 1.88
CA ASP F 64 12.28 -4.13 1.64
C ASP F 64 13.14 -5.11 0.81
N ASN F 65 13.04 -6.41 1.08
CA ASN F 65 13.79 -7.41 0.32
C ASN F 65 13.52 -7.34 -1.15
N LYS F 66 12.32 -6.89 -1.48
CA LYS F 66 11.89 -6.76 -2.86
C LYS F 66 12.16 -5.40 -3.44
N VAL F 67 12.19 -4.38 -2.59
CA VAL F 67 12.41 -3.03 -3.05
C VAL F 67 13.89 -2.68 -3.24
N GLN F 68 14.76 -3.18 -2.37
CA GLN F 68 16.18 -2.86 -2.50
C GLN F 68 16.75 -3.20 -3.87
N PRO F 69 16.60 -4.45 -4.32
CA PRO F 69 17.11 -4.89 -5.63
C PRO F 69 16.81 -3.94 -6.77
N LEU F 70 15.66 -3.28 -6.68
CA LEU F 70 15.23 -2.36 -7.69
C LEU F 70 16.03 -1.07 -7.76
N ILE F 71 16.26 -0.44 -6.60
CA ILE F 71 16.97 0.83 -6.55
C ILE F 71 18.48 0.72 -6.34
N ARG F 72 18.95 -0.43 -5.88
CA ARG F 72 20.36 -0.64 -5.64
C ARG F 72 20.87 -1.75 -6.55
C1 MPD G . 0.52 -14.88 9.58
C2 MPD G . 1.34 -15.98 10.23
O2 MPD G . 2.56 -16.05 9.48
CM MPD G . 1.61 -15.70 11.67
C3 MPD G . 0.67 -17.36 10.12
C4 MPD G . 0.45 -18.08 11.45
O4 MPD G . -0.87 -18.55 11.54
C5 MPD G . 1.36 -19.28 11.56
#